data_7Q1O
#
_entry.id   7Q1O
#
_cell.length_a   154.810
_cell.length_b   154.810
_cell.length_c   135.250
_cell.angle_alpha   90.000
_cell.angle_beta   90.000
_cell.angle_gamma   90.000
#
_symmetry.space_group_name_H-M   'I 4 2 2'
#
loop_
_entity.id
_entity.type
_entity.pdbx_description
1 polymer Cholinesterase
2 branched 2-acetamido-2-deoxy-beta-D-glucopyranose-(1-4)-[alpha-L-fucopyranose-(1-6)]2-acetamido-2-deoxy-beta-D-glucopyranose
3 non-polymer 2-acetamido-2-deoxy-beta-D-glucopyranose
4 non-polymer GLYCEROL
5 non-polymer N-[(2S)-3-(cyclohexylmethylamino)-2-oxidanyl-propyl]-3,3-diphenyl-propanamide
6 non-polymer 'GLYCOLIC ACID'
7 non-polymer 'SULFATE ION'
8 non-polymer 'SODIUM ION'
9 non-polymer 'CHLORIDE ION'
10 water water
#
_entity_poly.entity_id   1
_entity_poly.type   'polypeptide(L)'
_entity_poly.pdbx_seq_one_letter_code
;EDDIIIATKNGKVRGMQLTVFGGTVTAFLGIPYAQPPLGRLRFKKPQSLTKWSDIWNATKYANSCCQNIDQSFPGFHGSE
MWNPNTDLSEDCLYLNVWIPAPKPKNATVLIWIYGGGFQTGTSSLHVYDGKFLARVERVIVVSMNYRVGALGFLALPGNP
EAPGNMGLFDQQLALQWVQKNIAAFGGNPKSVTLFGESAGAASVSLHLLSPGSHSLFTRAILQSGSFNAPWAVTSLYEAR
NRTLNLAKLTGCSRENETEIIKCLRNKDPQEILLNEAFVVPYGTPLSVNFGPTVDGDFLTDMPDILLELGQFKKTQILVG
VNKDEGTAFLVYGAPGFSKDNNSIITRKEFQEGLKIFFPGVSEFGKESILFHYTDWVDDQRPENYREALGDVVGDYNFIC
PALEFTKKFSEWGNNAFFYYFEHRSSKLPWPEWMGVMHGYEIEFVFGLPLERRDQYTKAEEILSRSIVKRWANFAKYGNP
QETQNQSTSWPVFKSTEQKYLTLNTESTRIMTKLRAQQCRFWTSFFPKV
;
_entity_poly.pdbx_strand_id   A
#
loop_
_chem_comp.id
_chem_comp.type
_chem_comp.name
_chem_comp.formula
9CI non-polymer N-[(2S)-3-(cyclohexylmethylamino)-2-oxidanyl-propyl]-3,3-diphenyl-propanamide 'C25 H34 N2 O2'
CL non-polymer 'CHLORIDE ION' 'Cl -1'
FUC L-saccharide, alpha linking alpha-L-fucopyranose 'C6 H12 O5'
GOA non-polymer 'GLYCOLIC ACID' 'C2 H4 O3'
GOL non-polymer GLYCEROL 'C3 H8 O3'
NA non-polymer 'SODIUM ION' 'Na 1'
NAG D-saccharide, beta linking 2-acetamido-2-deoxy-beta-D-glucopyranose 'C8 H15 N O6'
SO4 non-polymer 'SULFATE ION' 'O4 S -2'
#
# COMPACT_ATOMS: atom_id res chain seq x y z
N ASP A 3 5.97 8.94 33.39
CA ASP A 3 5.43 7.68 32.86
C ASP A 3 3.98 7.87 32.45
N ILE A 4 3.59 7.27 31.32
CA ILE A 4 2.20 7.26 30.85
C ILE A 4 1.75 5.82 30.66
N ILE A 5 0.61 5.49 31.27
CA ILE A 5 -0.03 4.19 31.15
C ILE A 5 -1.48 4.44 30.78
N ILE A 6 -1.96 3.75 29.75
CA ILE A 6 -3.32 3.90 29.27
C ILE A 6 -4.07 2.61 29.50
N ALA A 7 -5.30 2.73 29.99
CA ALA A 7 -6.20 1.59 30.18
C ALA A 7 -7.00 1.37 28.91
N THR A 8 -6.67 0.32 28.16
CA THR A 8 -7.47 -0.08 27.01
C THR A 8 -8.48 -1.13 27.42
N LYS A 9 -9.43 -1.40 26.52
CA LYS A 9 -10.53 -2.31 26.83
C LYS A 9 -10.05 -3.74 27.09
N ASN A 10 -8.75 -4.01 26.94
CA ASN A 10 -8.21 -5.34 27.15
C ASN A 10 -7.16 -5.41 28.25
N GLY A 11 -6.75 -4.28 28.79
CA GLY A 11 -5.72 -4.27 29.81
C GLY A 11 -4.89 -3.01 29.70
N LYS A 12 -4.09 -2.76 30.73
CA LYS A 12 -3.25 -1.58 30.75
C LYS A 12 -2.06 -1.77 29.81
N VAL A 13 -1.71 -0.70 29.10
CA VAL A 13 -0.51 -0.69 28.28
C VAL A 13 0.36 0.48 28.75
N ARG A 14 1.68 0.27 28.72
CA ARG A 14 2.64 1.30 29.09
C ARG A 14 3.38 1.76 27.84
N GLY A 15 3.45 3.08 27.65
CA GLY A 15 4.13 3.66 26.50
C GLY A 15 5.53 4.13 26.86
N MET A 16 6.13 4.87 25.92
CA MET A 16 7.39 5.56 26.14
C MET A 16 7.32 6.93 25.47
N GLN A 17 8.09 7.87 25.99
CA GLN A 17 8.06 9.24 25.50
C GLN A 17 9.28 9.53 24.64
N LEU A 18 9.05 10.09 23.45
CA LEU A 18 10.08 10.41 22.48
C LEU A 18 10.27 11.92 22.41
N THR A 19 11.52 12.36 22.27
CA THR A 19 11.82 13.77 22.02
C THR A 19 11.85 14.01 20.53
N VAL A 20 10.89 14.78 20.02
CA VAL A 20 10.84 15.14 18.61
C VAL A 20 10.73 16.65 18.51
N PHE A 21 11.61 17.26 17.70
CA PHE A 21 11.60 18.70 17.42
C PHE A 21 11.40 19.53 18.70
N GLY A 22 12.18 19.24 19.74
CA GLY A 22 12.09 20.03 20.95
C GLY A 22 10.76 19.92 21.70
N GLY A 23 9.89 19.01 21.28
CA GLY A 23 8.72 18.65 22.03
C GLY A 23 8.73 17.17 22.35
N THR A 24 7.57 16.59 22.59
CA THR A 24 7.44 15.21 23.04
C THR A 24 6.32 14.54 22.27
N VAL A 25 6.52 13.26 21.97
CA VAL A 25 5.48 12.39 21.46
C VAL A 25 5.48 11.14 22.32
N THR A 26 4.28 10.64 22.63
CA THR A 26 4.15 9.39 23.38
C THR A 26 3.90 8.26 22.39
N ALA A 27 4.73 7.21 22.45
CA ALA A 27 4.64 6.11 21.49
C ALA A 27 4.32 4.81 22.22
N PHE A 28 3.38 4.05 21.65
CA PHE A 28 3.00 2.72 22.12
C PHE A 28 3.26 1.75 20.96
N LEU A 29 4.41 1.09 20.97
CA LEU A 29 4.81 0.20 19.89
C LEU A 29 4.50 -1.25 20.26
N GLY A 30 3.80 -1.94 19.38
CA GLY A 30 3.56 -3.36 19.57
C GLY A 30 2.46 -3.71 20.55
N ILE A 31 1.30 -3.09 20.39
CA ILE A 31 0.12 -3.49 21.16
C ILE A 31 -0.54 -4.67 20.45
N PRO A 32 -0.80 -5.78 21.13
CA PRO A 32 -1.51 -6.88 20.49
C PRO A 32 -2.95 -6.49 20.20
N TYR A 33 -3.48 -6.97 19.08
CA TYR A 33 -4.86 -6.68 18.79
C TYR A 33 -5.63 -7.90 18.32
N ALA A 34 -5.04 -9.08 18.39
CA ALA A 34 -5.74 -10.31 18.02
C ALA A 34 -4.98 -11.47 18.64
N GLN A 35 -5.72 -12.54 18.94
CA GLN A 35 -5.11 -13.81 19.31
C GLN A 35 -4.05 -14.16 18.26
N PRO A 36 -2.87 -14.60 18.66
CA PRO A 36 -1.86 -14.94 17.66
C PRO A 36 -2.34 -16.08 16.78
N PRO A 37 -2.22 -15.93 15.46
CA PRO A 37 -2.80 -16.92 14.52
C PRO A 37 -1.92 -18.15 14.33
N LEU A 38 -1.75 -18.91 15.41
CA LEU A 38 -0.83 -20.03 15.44
C LEU A 38 -1.58 -21.34 15.58
N GLY A 39 -0.92 -22.43 15.16
CA GLY A 39 -1.49 -23.75 15.31
C GLY A 39 -2.72 -23.89 14.44
N ARG A 40 -3.83 -24.32 15.06
CA ARG A 40 -5.11 -24.43 14.36
C ARG A 40 -5.63 -23.06 13.89
N LEU A 41 -5.13 -21.96 14.44
CA LEU A 41 -5.57 -20.65 13.98
C LEU A 41 -4.93 -20.23 12.67
N ARG A 42 -3.91 -20.95 12.20
CA ARG A 42 -3.30 -20.63 10.91
C ARG A 42 -4.33 -20.69 9.79
N PHE A 43 -4.31 -19.66 8.95
CA PHE A 43 -5.22 -19.42 7.82
C PHE A 43 -6.62 -18.99 8.23
N LYS A 44 -6.95 -18.93 9.52
CA LYS A 44 -8.26 -18.42 9.89
C LYS A 44 -8.27 -16.89 9.98
N LYS A 45 -9.48 -16.34 10.06
CA LYS A 45 -9.65 -14.93 10.36
C LYS A 45 -9.11 -14.66 11.76
N PRO A 46 -8.65 -13.45 12.03
CA PRO A 46 -8.14 -13.16 13.37
C PRO A 46 -9.26 -13.32 14.39
N GLN A 47 -8.88 -13.80 15.57
CA GLN A 47 -9.79 -13.97 16.70
C GLN A 47 -9.59 -12.87 17.72
N SER A 48 -10.62 -12.66 18.55
CA SER A 48 -10.58 -11.62 19.56
C SER A 48 -9.51 -11.91 20.60
N LEU A 49 -8.98 -10.82 21.18
CA LEU A 49 -7.95 -10.91 22.20
C LEU A 49 -8.51 -11.22 23.58
N THR A 50 -7.82 -12.11 24.28
CA THR A 50 -8.14 -12.37 25.68
C THR A 50 -7.54 -11.28 26.55
N LYS A 51 -8.35 -10.74 27.47
CA LYS A 51 -7.90 -9.69 28.36
C LYS A 51 -6.72 -10.14 29.22
N TRP A 52 -5.89 -9.18 29.61
CA TRP A 52 -4.77 -9.41 30.52
C TRP A 52 -4.87 -8.48 31.73
N SER A 53 -4.35 -8.97 32.86
CA SER A 53 -4.42 -8.27 34.14
C SER A 53 -3.17 -7.46 34.46
N ASP A 54 -2.04 -7.77 33.83
CA ASP A 54 -0.80 -7.07 34.13
C ASP A 54 -0.74 -5.78 33.31
N ILE A 55 0.45 -5.21 33.21
CA ILE A 55 0.70 -4.07 32.35
C ILE A 55 1.49 -4.56 31.16
N TRP A 56 0.93 -4.40 29.97
CA TRP A 56 1.67 -4.70 28.75
C TRP A 56 2.63 -3.57 28.45
N ASN A 57 3.88 -3.93 28.14
CA ASN A 57 4.97 -2.97 27.97
C ASN A 57 5.19 -2.72 26.47
N ALA A 58 4.30 -1.92 25.88
CA ALA A 58 4.36 -1.61 24.45
C ALA A 58 5.45 -0.57 24.19
N THR A 59 6.71 -1.04 24.29
CA THR A 59 7.87 -0.16 24.20
C THR A 59 8.87 -0.58 23.14
N LYS A 60 8.57 -1.58 22.31
CA LYS A 60 9.45 -1.92 21.19
C LYS A 60 8.56 -2.48 20.11
N TYR A 61 8.98 -2.28 18.86
CA TYR A 61 8.24 -2.84 17.74
C TYR A 61 8.14 -4.35 17.87
N ALA A 62 7.00 -4.91 17.47
CA ALA A 62 6.78 -6.34 17.59
C ALA A 62 7.36 -7.08 16.38
N ASN A 63 7.21 -8.41 16.39
CA ASN A 63 7.58 -9.25 15.25
C ASN A 63 6.89 -8.79 13.98
N SER A 64 7.58 -8.94 12.86
CA SER A 64 6.92 -8.79 11.57
C SER A 64 6.39 -10.15 11.11
N CYS A 65 5.26 -10.12 10.39
CA CYS A 65 4.69 -11.35 9.86
C CYS A 65 5.65 -12.04 8.90
N CYS A 66 5.61 -13.38 8.90
CA CYS A 66 6.44 -14.20 8.02
C CYS A 66 6.35 -13.71 6.58
N GLN A 67 7.50 -13.72 5.91
CA GLN A 67 7.57 -13.26 4.53
C GLN A 67 8.93 -13.61 3.96
N ASN A 68 9.04 -13.57 2.64
CA ASN A 68 10.32 -13.70 1.97
C ASN A 68 10.95 -12.33 1.91
N ILE A 69 12.23 -12.29 2.19
CA ILE A 69 13.00 -11.06 2.24
C ILE A 69 13.53 -10.78 0.84
N ASP A 70 13.57 -9.51 0.44
CA ASP A 70 14.22 -9.18 -0.82
C ASP A 70 15.74 -9.36 -0.73
N GLN A 71 16.31 -9.87 -1.81
CA GLN A 71 17.69 -10.30 -1.80
C GLN A 71 18.46 -9.98 -3.07
N SER A 72 17.85 -9.24 -3.99
CA SER A 72 18.50 -8.98 -5.27
C SER A 72 19.75 -8.13 -5.12
N PHE A 73 19.80 -7.24 -4.12
CA PHE A 73 20.90 -6.30 -3.96
C PHE A 73 21.39 -6.31 -2.53
N PRO A 74 22.11 -7.36 -2.14
CA PRO A 74 22.66 -7.44 -0.78
C PRO A 74 23.55 -6.24 -0.47
N GLY A 75 23.25 -5.58 0.66
CA GLY A 75 24.05 -4.46 1.12
C GLY A 75 23.70 -3.14 0.49
N PHE A 76 22.63 -3.10 -0.30
CA PHE A 76 22.16 -1.91 -1.00
C PHE A 76 20.99 -1.35 -0.23
N HIS A 77 21.15 -0.13 0.29
CA HIS A 77 20.07 0.46 1.05
C HIS A 77 18.80 0.61 0.22
N GLY A 78 18.95 0.73 -1.11
CA GLY A 78 17.79 0.99 -1.94
C GLY A 78 16.75 -0.11 -1.82
N SER A 79 17.20 -1.33 -1.62
CA SER A 79 16.26 -2.43 -1.45
C SER A 79 16.17 -2.89 -0.01
N GLU A 80 17.23 -2.74 0.75
CA GLU A 80 17.17 -3.24 2.11
C GLU A 80 16.31 -2.36 3.03
N MET A 81 16.07 -1.08 2.68
CA MET A 81 15.24 -0.26 3.56
C MET A 81 13.83 -0.81 3.66
N TRP A 82 13.46 -1.74 2.76
CA TRP A 82 12.11 -2.29 2.70
C TRP A 82 11.98 -3.62 3.40
N ASN A 83 13.08 -4.34 3.58
CA ASN A 83 13.05 -5.60 4.28
C ASN A 83 12.69 -5.40 5.75
N PRO A 84 12.05 -6.39 6.36
CA PRO A 84 11.64 -6.26 7.77
C PRO A 84 12.81 -5.91 8.67
N ASN A 85 12.53 -5.13 9.71
CA ASN A 85 13.53 -4.80 10.71
C ASN A 85 13.22 -5.38 12.09
N THR A 86 12.30 -6.33 12.18
CA THR A 86 12.14 -7.13 13.38
C THR A 86 12.09 -8.60 12.99
N ASP A 87 12.22 -9.48 13.99
CA ASP A 87 12.11 -10.92 13.77
C ASP A 87 10.82 -11.25 13.04
N LEU A 88 10.90 -12.19 12.11
CA LEU A 88 9.71 -12.74 11.48
C LEU A 88 9.10 -13.80 12.37
N SER A 89 7.78 -13.72 12.57
CA SER A 89 7.08 -14.73 13.35
C SER A 89 5.63 -14.74 12.89
N GLU A 90 4.97 -15.88 13.09
CA GLU A 90 3.53 -15.92 12.85
C GLU A 90 2.80 -15.11 13.92
N ASP A 91 3.33 -15.10 15.14
CA ASP A 91 2.91 -14.17 16.17
C ASP A 91 3.32 -12.77 15.77
N CYS A 92 2.45 -12.07 15.05
CA CYS A 92 2.84 -10.78 14.49
C CYS A 92 1.69 -9.78 14.44
N LEU A 93 0.52 -10.08 15.00
CA LEU A 93 -0.66 -9.22 14.89
C LEU A 93 -0.61 -8.18 16.00
N TYR A 94 0.17 -7.14 15.75
CA TYR A 94 0.41 -6.05 16.69
C TYR A 94 0.21 -4.75 15.92
N LEU A 95 -0.02 -3.67 16.67
CA LEU A 95 -0.16 -2.35 16.08
C LEU A 95 0.57 -1.32 16.93
N ASN A 96 0.81 -0.14 16.36
CA ASN A 96 1.50 0.94 17.06
C ASN A 96 0.65 2.20 17.09
N VAL A 97 0.84 2.99 18.15
CA VAL A 97 0.08 4.23 18.34
C VAL A 97 1.06 5.34 18.75
N TRP A 98 1.06 6.43 17.99
CA TRP A 98 1.77 7.65 18.36
C TRP A 98 0.73 8.70 18.72
N ILE A 99 0.90 9.32 19.88
CA ILE A 99 -0.04 10.35 20.35
C ILE A 99 0.75 11.59 20.72
N PRO A 100 0.24 12.78 20.38
CA PRO A 100 0.92 14.03 20.77
C PRO A 100 1.12 14.14 22.27
N ALA A 101 2.13 14.90 22.66
CA ALA A 101 2.25 15.32 24.06
C ALA A 101 1.98 16.81 24.17
N PRO A 102 1.09 17.24 25.07
CA PRO A 102 0.32 16.43 26.02
C PRO A 102 -0.86 15.78 25.34
N LYS A 103 -1.43 14.77 26.00
CA LYS A 103 -2.56 13.98 25.51
C LYS A 103 -3.59 14.91 24.87
N PRO A 104 -3.92 14.73 23.60
CA PRO A 104 -4.87 15.63 22.93
C PRO A 104 -6.26 15.38 23.45
N LYS A 105 -7.17 16.30 23.14
CA LYS A 105 -8.52 16.15 23.65
C LYS A 105 -9.35 15.24 22.74
N ASN A 106 -9.30 15.47 21.44
CA ASN A 106 -10.16 14.73 20.53
C ASN A 106 -9.54 14.65 19.15
N ALA A 107 -8.34 14.08 19.06
CA ALA A 107 -7.53 14.22 17.86
C ALA A 107 -8.03 13.33 16.72
N THR A 108 -7.81 13.80 15.48
CA THR A 108 -8.05 12.98 14.31
C THR A 108 -7.02 11.86 14.21
N VAL A 109 -7.45 10.67 13.82
CA VAL A 109 -6.58 9.50 13.78
C VAL A 109 -6.29 9.15 12.33
N LEU A 110 -5.01 8.99 12.01
N LEU A 110 -5.01 8.97 12.02
CA LEU A 110 -4.57 8.49 10.72
CA LEU A 110 -4.56 8.49 10.73
C LEU A 110 -4.05 7.07 10.91
C LEU A 110 -4.05 7.07 10.91
N ILE A 111 -4.61 6.13 10.14
CA ILE A 111 -4.20 4.73 10.22
C ILE A 111 -3.45 4.34 8.96
N TRP A 112 -2.21 3.89 9.13
CA TRP A 112 -1.37 3.49 8.00
C TRP A 112 -1.48 2.00 7.70
N ILE A 113 -1.62 1.66 6.41
CA ILE A 113 -1.60 0.28 5.93
C ILE A 113 -0.47 0.16 4.90
N TYR A 114 0.62 -0.50 5.27
CA TYR A 114 1.79 -0.56 4.39
C TYR A 114 1.55 -1.43 3.15
N GLY A 115 2.40 -1.23 2.14
CA GLY A 115 2.41 -2.06 0.96
C GLY A 115 3.50 -3.13 1.02
N GLY A 116 3.70 -3.78 -0.13
CA GLY A 116 4.61 -4.91 -0.23
C GLY A 116 4.04 -6.00 -1.11
N GLY A 117 3.16 -5.60 -2.03
CA GLY A 117 2.58 -6.52 -2.99
C GLY A 117 1.75 -7.62 -2.37
N PHE A 118 1.19 -7.38 -1.18
CA PHE A 118 0.48 -8.39 -0.40
C PHE A 118 1.34 -9.60 -0.03
N GLN A 119 2.63 -9.58 -0.35
CA GLN A 119 3.52 -10.66 0.03
C GLN A 119 4.47 -10.28 1.14
N THR A 120 4.77 -8.98 1.29
CA THR A 120 5.78 -8.50 2.21
C THR A 120 5.27 -7.22 2.86
N GLY A 121 6.00 -6.78 3.88
CA GLY A 121 5.73 -5.50 4.50
C GLY A 121 5.76 -5.62 6.01
N THR A 122 5.94 -4.47 6.65
CA THR A 122 5.85 -4.36 8.10
C THR A 122 5.75 -2.88 8.44
N SER A 123 5.13 -2.62 9.59
CA SER A 123 4.85 -1.26 10.03
C SER A 123 6.00 -0.63 10.79
N SER A 124 7.05 -1.40 11.11
CA SER A 124 8.18 -0.86 11.87
C SER A 124 9.24 -0.22 11.01
N LEU A 125 9.06 -0.17 9.69
CA LEU A 125 10.02 0.51 8.83
C LEU A 125 10.20 1.96 9.26
N HIS A 126 11.44 2.43 9.16
CA HIS A 126 11.83 3.81 9.46
C HIS A 126 10.97 4.83 8.71
N VAL A 127 10.59 4.53 7.46
CA VAL A 127 9.81 5.48 6.66
C VAL A 127 8.33 5.48 6.99
N TYR A 128 7.88 4.65 7.93
CA TYR A 128 6.51 4.72 8.41
C TYR A 128 6.41 5.26 9.84
N ASP A 129 7.49 5.88 10.35
CA ASP A 129 7.51 6.36 11.73
C ASP A 129 6.48 7.47 11.94
N GLY A 130 5.50 7.23 12.80
CA GLY A 130 4.44 8.21 12.95
C GLY A 130 4.71 9.35 13.90
N LYS A 131 5.90 9.43 14.49
CA LYS A 131 6.13 10.42 15.53
C LYS A 131 6.15 11.84 14.96
N PHE A 132 6.64 12.03 13.73
CA PHE A 132 6.69 13.38 13.18
C PHE A 132 5.28 13.92 12.94
N LEU A 133 4.39 13.11 12.36
CA LEU A 133 3.01 13.54 12.17
C LEU A 133 2.36 13.89 13.50
N ALA A 134 2.58 13.04 14.52
CA ALA A 134 2.03 13.32 15.83
C ALA A 134 2.56 14.66 16.35
N ARG A 135 3.89 14.84 16.29
CA ARG A 135 4.50 16.05 16.79
C ARG A 135 4.04 17.28 16.01
N VAL A 136 4.04 17.20 14.68
CA VAL A 136 3.90 18.43 13.91
C VAL A 136 2.43 18.82 13.71
N GLU A 137 1.55 17.85 13.52
CA GLU A 137 0.16 18.14 13.17
C GLU A 137 -0.81 17.84 14.29
N ARG A 138 -0.33 17.27 15.39
CA ARG A 138 -1.16 16.91 16.55
C ARG A 138 -2.25 15.92 16.19
N VAL A 139 -1.99 15.07 15.22
CA VAL A 139 -2.83 13.93 14.92
C VAL A 139 -2.28 12.70 15.62
N ILE A 140 -3.10 11.68 15.76
CA ILE A 140 -2.67 10.38 16.23
C ILE A 140 -2.42 9.50 15.02
N VAL A 141 -1.27 8.83 14.99
CA VAL A 141 -0.96 7.89 13.93
C VAL A 141 -1.01 6.48 14.48
N VAL A 142 -1.70 5.62 13.76
CA VAL A 142 -1.79 4.20 14.08
C VAL A 142 -1.33 3.41 12.86
N SER A 143 -0.56 2.35 13.11
CA SER A 143 -0.20 1.42 12.03
C SER A 143 -0.25 0.01 12.61
N MET A 144 -0.61 -0.96 11.76
CA MET A 144 -0.71 -2.34 12.19
C MET A 144 0.08 -3.24 11.24
N ASN A 145 0.52 -4.40 11.76
CA ASN A 145 0.99 -5.50 10.94
C ASN A 145 -0.17 -6.40 10.54
N TYR A 146 -0.13 -6.90 9.31
CA TYR A 146 -1.13 -7.85 8.86
C TYR A 146 -0.46 -8.99 8.09
N ARG A 147 -1.02 -10.19 8.19
CA ARG A 147 -0.42 -11.36 7.56
C ARG A 147 -0.36 -11.17 6.05
N VAL A 148 0.72 -11.65 5.44
CA VAL A 148 0.95 -11.49 4.00
C VAL A 148 1.27 -12.84 3.38
N GLY A 149 1.38 -12.85 2.05
CA GLY A 149 1.62 -14.09 1.34
C GLY A 149 0.55 -15.14 1.62
N ALA A 150 0.95 -16.41 1.54
CA ALA A 150 -0.02 -17.48 1.72
C ALA A 150 -0.62 -17.44 3.12
N LEU A 151 0.19 -17.21 4.15
CA LEU A 151 -0.38 -17.20 5.49
C LEU A 151 -1.41 -16.11 5.67
N GLY A 152 -1.44 -15.09 4.80
CA GLY A 152 -2.42 -14.04 4.89
C GLY A 152 -3.53 -14.07 3.85
N PHE A 153 -3.31 -14.76 2.72
CA PHE A 153 -4.28 -14.66 1.64
C PHE A 153 -4.58 -15.97 0.92
N LEU A 154 -4.10 -17.10 1.45
CA LEU A 154 -4.43 -18.39 0.85
C LEU A 154 -5.94 -18.59 0.88
N ALA A 155 -6.49 -19.09 -0.22
CA ALA A 155 -7.94 -19.18 -0.37
C ALA A 155 -8.34 -20.54 -0.92
N LEU A 156 -9.21 -21.24 -0.16
CA LEU A 156 -10.11 -22.26 -0.70
C LEU A 156 -11.50 -21.72 -0.38
N PRO A 157 -12.12 -20.97 -1.30
CA PRO A 157 -13.23 -20.11 -0.91
C PRO A 157 -14.45 -20.92 -0.48
N GLY A 158 -15.12 -20.41 0.56
CA GLY A 158 -16.22 -21.10 1.21
C GLY A 158 -15.80 -21.94 2.40
N ASN A 159 -14.74 -22.75 2.21
CA ASN A 159 -14.06 -23.47 3.28
C ASN A 159 -13.56 -22.48 4.34
N PRO A 160 -14.18 -22.41 5.52
CA PRO A 160 -13.75 -21.41 6.51
C PRO A 160 -12.39 -21.72 7.10
N GLU A 161 -11.88 -22.93 6.86
CA GLU A 161 -10.52 -23.29 7.27
C GLU A 161 -9.48 -22.42 6.58
N ALA A 162 -9.79 -21.94 5.38
CA ALA A 162 -8.93 -21.00 4.65
C ALA A 162 -9.81 -20.18 3.71
N PRO A 163 -10.56 -19.20 4.24
CA PRO A 163 -11.52 -18.48 3.39
C PRO A 163 -10.90 -17.43 2.47
N GLY A 164 -9.67 -17.03 2.70
CA GLY A 164 -9.08 -15.94 1.95
C GLY A 164 -9.27 -14.62 2.69
N ASN A 165 -8.52 -13.61 2.25
CA ASN A 165 -8.61 -12.24 2.76
C ASN A 165 -8.23 -12.09 4.24
N MET A 166 -7.49 -13.04 4.82
CA MET A 166 -7.17 -13.01 6.24
C MET A 166 -6.42 -11.75 6.62
N GLY A 167 -5.42 -11.39 5.82
CA GLY A 167 -4.69 -10.14 6.06
C GLY A 167 -5.61 -8.95 6.03
N LEU A 168 -6.53 -8.90 5.08
CA LEU A 168 -7.53 -7.84 5.06
C LEU A 168 -8.33 -7.81 6.36
N PHE A 169 -8.74 -8.99 6.84
CA PHE A 169 -9.46 -9.05 8.11
C PHE A 169 -8.58 -8.66 9.29
N ASP A 170 -7.28 -8.99 9.25
CA ASP A 170 -6.35 -8.44 10.23
C ASP A 170 -6.46 -6.92 10.28
N GLN A 171 -6.23 -6.27 9.13
CA GLN A 171 -6.42 -4.82 9.04
C GLN A 171 -7.74 -4.40 9.67
N GLN A 172 -8.82 -5.08 9.29
CA GLN A 172 -10.14 -4.70 9.78
C GLN A 172 -10.20 -4.78 11.30
N LEU A 173 -9.63 -5.84 11.87
CA LEU A 173 -9.71 -6.00 13.31
C LEU A 173 -8.99 -4.86 14.01
N ALA A 174 -7.87 -4.41 13.43
CA ALA A 174 -7.15 -3.27 13.99
C ALA A 174 -7.96 -1.99 13.87
N LEU A 175 -8.68 -1.81 12.76
CA LEU A 175 -9.62 -0.69 12.68
C LEU A 175 -10.65 -0.78 13.81
N GLN A 176 -11.17 -1.98 14.08
CA GLN A 176 -12.10 -2.16 15.19
C GLN A 176 -11.44 -1.82 16.52
N TRP A 177 -10.15 -2.12 16.67
CA TRP A 177 -9.44 -1.80 17.91
C TRP A 177 -9.39 -0.29 18.11
N VAL A 178 -9.04 0.44 17.06
CA VAL A 178 -9.00 1.90 17.14
C VAL A 178 -10.36 2.45 17.55
N GLN A 179 -11.43 1.90 16.96
CA GLN A 179 -12.77 2.34 17.35
C GLN A 179 -13.00 2.09 18.82
N LYS A 180 -12.64 0.91 19.30
CA LYS A 180 -12.97 0.57 20.67
C LYS A 180 -12.08 1.28 21.70
N ASN A 181 -10.89 1.75 21.31
CA ASN A 181 -9.93 2.18 22.31
C ASN A 181 -9.30 3.54 22.08
N ILE A 182 -9.34 4.11 20.87
CA ILE A 182 -8.53 5.31 20.63
C ILE A 182 -8.96 6.46 21.53
N ALA A 183 -10.22 6.48 21.96
CA ALA A 183 -10.64 7.54 22.87
C ALA A 183 -9.78 7.58 24.13
N ALA A 184 -9.49 6.41 24.71
CA ALA A 184 -8.61 6.37 25.88
C ALA A 184 -7.26 7.06 25.62
N PHE A 185 -6.77 6.99 24.39
CA PHE A 185 -5.54 7.69 24.04
C PHE A 185 -5.79 9.14 23.67
N GLY A 186 -7.04 9.60 23.63
CA GLY A 186 -7.34 10.98 23.32
C GLY A 186 -7.67 11.25 21.87
N GLY A 187 -7.94 10.21 21.08
CA GLY A 187 -8.30 10.35 19.70
C GLY A 187 -9.81 10.29 19.49
N ASN A 188 -10.23 10.80 18.35
CA ASN A 188 -11.64 10.88 18.01
C ASN A 188 -11.98 9.74 17.06
N PRO A 189 -12.65 8.69 17.52
CA PRO A 189 -12.93 7.54 16.64
C PRO A 189 -13.85 7.90 15.50
N LYS A 190 -14.44 9.08 15.53
CA LYS A 190 -15.28 9.60 14.48
C LYS A 190 -14.51 10.41 13.44
N SER A 191 -13.20 10.60 13.64
CA SER A 191 -12.34 11.28 12.66
C SER A 191 -11.13 10.37 12.41
N VAL A 192 -11.33 9.35 11.56
CA VAL A 192 -10.32 8.34 11.29
C VAL A 192 -10.12 8.25 9.79
N THR A 193 -8.88 8.40 9.33
CA THR A 193 -8.55 8.37 7.92
C THR A 193 -7.57 7.24 7.65
N LEU A 194 -7.97 6.27 6.85
CA LEU A 194 -7.01 5.27 6.39
C LEU A 194 -6.09 5.89 5.35
N PHE A 195 -4.82 5.51 5.40
CA PHE A 195 -3.94 5.84 4.28
C PHE A 195 -2.91 4.73 4.09
N GLY A 196 -2.60 4.44 2.84
CA GLY A 196 -1.65 3.38 2.54
C GLY A 196 -1.07 3.60 1.17
N GLU A 197 0.02 2.89 0.91
CA GLU A 197 0.72 3.01 -0.37
C GLU A 197 0.78 1.64 -1.03
N SER A 198 0.61 1.63 -2.35
CA SER A 198 0.79 0.44 -3.16
C SER A 198 -0.23 -0.63 -2.79
N ALA A 199 0.22 -1.83 -2.38
CA ALA A 199 -0.73 -2.84 -1.94
C ALA A 199 -1.51 -2.35 -0.73
N GLY A 200 -0.90 -1.46 0.08
CA GLY A 200 -1.64 -0.85 1.17
C GLY A 200 -2.71 0.09 0.68
N ALA A 201 -2.45 0.78 -0.44
CA ALA A 201 -3.46 1.67 -0.99
C ALA A 201 -4.60 0.89 -1.62
N ALA A 202 -4.27 -0.27 -2.21
CA ALA A 202 -5.33 -1.15 -2.70
C ALA A 202 -6.16 -1.71 -1.54
N SER A 203 -5.50 -2.05 -0.42
CA SER A 203 -6.23 -2.44 0.78
C SER A 203 -7.22 -1.37 1.20
N VAL A 204 -6.74 -0.13 1.34
CA VAL A 204 -7.60 1.00 1.68
C VAL A 204 -8.78 1.04 0.74
N SER A 205 -8.53 0.85 -0.56
CA SER A 205 -9.63 0.92 -1.50
C SER A 205 -10.62 -0.21 -1.27
N LEU A 206 -10.15 -1.40 -0.89
CA LEU A 206 -11.09 -2.50 -0.63
C LEU A 206 -11.89 -2.26 0.64
N HIS A 207 -11.33 -1.50 1.60
CA HIS A 207 -12.14 -1.15 2.75
C HIS A 207 -13.28 -0.23 2.37
N LEU A 208 -13.10 0.61 1.35
CA LEU A 208 -14.24 1.40 0.90
C LEU A 208 -15.37 0.52 0.39
N LEU A 209 -15.05 -0.70 -0.09
CA LEU A 209 -16.09 -1.62 -0.57
C LEU A 209 -16.59 -2.57 0.51
N SER A 210 -15.80 -2.89 1.49
CA SER A 210 -16.23 -3.90 2.45
C SER A 210 -17.29 -3.33 3.37
N PRO A 211 -18.47 -3.94 3.47
CA PRO A 211 -19.46 -3.42 4.41
C PRO A 211 -18.99 -3.52 5.85
N GLY A 212 -18.19 -4.52 6.18
CA GLY A 212 -17.63 -4.62 7.53
C GLY A 212 -16.78 -3.43 7.92
N SER A 213 -16.24 -2.71 6.95
CA SER A 213 -15.35 -1.60 7.26
C SER A 213 -16.03 -0.24 7.20
N HIS A 214 -17.23 -0.18 6.63
N HIS A 214 -17.24 -0.17 6.65
CA HIS A 214 -17.93 1.09 6.39
CA HIS A 214 -17.85 1.14 6.39
C HIS A 214 -17.88 1.98 7.63
C HIS A 214 -17.90 2.01 7.63
N SER A 215 -18.19 1.43 8.79
CA SER A 215 -18.30 2.21 10.02
C SER A 215 -16.98 2.38 10.76
N LEU A 216 -15.87 1.85 10.27
CA LEU A 216 -14.62 1.86 11.03
C LEU A 216 -13.69 3.01 10.67
N PHE A 217 -14.04 3.82 9.67
CA PHE A 217 -13.20 4.95 9.30
C PHE A 217 -14.05 6.04 8.66
N THR A 218 -13.45 7.22 8.48
CA THR A 218 -14.15 8.39 7.95
C THR A 218 -13.80 8.68 6.50
N ARG A 219 -12.50 8.67 6.17
CA ARG A 219 -11.97 9.13 4.89
C ARG A 219 -10.79 8.26 4.48
N ALA A 220 -10.30 8.46 3.26
CA ALA A 220 -9.35 7.51 2.71
C ALA A 220 -8.38 8.19 1.75
N ILE A 221 -7.12 7.81 1.88
CA ILE A 221 -6.03 8.30 1.04
C ILE A 221 -5.38 7.10 0.37
N LEU A 222 -5.35 7.07 -0.96
CA LEU A 222 -4.76 5.99 -1.75
C LEU A 222 -3.51 6.51 -2.44
N GLN A 223 -2.33 6.05 -1.99
CA GLN A 223 -1.05 6.42 -2.61
C GLN A 223 -0.56 5.28 -3.50
N SER A 224 -0.56 5.50 -4.82
CA SER A 224 0.06 4.55 -5.77
C SER A 224 -0.58 3.18 -5.66
N GLY A 225 -1.90 3.13 -5.71
CA GLY A 225 -2.56 1.85 -5.61
C GLY A 225 -4.07 1.95 -5.53
N SER A 226 -4.75 0.98 -6.16
CA SER A 226 -6.18 0.84 -6.07
C SER A 226 -6.51 -0.60 -6.42
N PHE A 227 -7.72 -1.07 -6.04
CA PHE A 227 -8.05 -2.48 -6.26
C PHE A 227 -8.23 -2.81 -7.73
N ASN A 228 -8.60 -1.84 -8.56
CA ASN A 228 -8.77 -2.13 -9.99
C ASN A 228 -7.44 -2.26 -10.73
N ALA A 229 -6.30 -2.18 -10.04
CA ALA A 229 -5.02 -2.41 -10.68
C ALA A 229 -4.91 -3.88 -11.08
N PRO A 230 -4.26 -4.18 -12.20
CA PRO A 230 -4.24 -5.58 -12.66
C PRO A 230 -3.62 -6.55 -11.65
N TRP A 231 -2.79 -6.07 -10.72
CA TRP A 231 -2.13 -6.97 -9.78
C TRP A 231 -2.92 -7.13 -8.47
N ALA A 232 -4.06 -6.47 -8.31
CA ALA A 232 -4.56 -6.30 -6.96
C ALA A 232 -5.53 -7.40 -6.48
N VAL A 233 -6.28 -8.04 -7.37
CA VAL A 233 -7.24 -9.07 -6.97
C VAL A 233 -6.96 -10.37 -7.69
N THR A 234 -6.98 -11.49 -6.95
CA THR A 234 -6.86 -12.83 -7.50
C THR A 234 -8.25 -13.40 -7.79
N SER A 235 -8.48 -13.84 -9.03
CA SER A 235 -9.72 -14.52 -9.34
C SER A 235 -9.85 -15.81 -8.54
N LEU A 236 -11.08 -16.29 -8.39
CA LEU A 236 -11.26 -17.50 -7.60
C LEU A 236 -10.67 -18.72 -8.30
N TYR A 237 -10.65 -18.70 -9.64
CA TYR A 237 -9.95 -19.74 -10.38
C TYR A 237 -8.47 -19.79 -10.00
N GLU A 238 -7.76 -18.65 -10.07
CA GLU A 238 -6.34 -18.68 -9.75
C GLU A 238 -6.11 -19.01 -8.28
N ALA A 239 -6.93 -18.45 -7.40
CA ALA A 239 -6.74 -18.72 -5.97
C ALA A 239 -6.77 -20.21 -5.68
N ARG A 240 -7.57 -20.97 -6.44
CA ARG A 240 -7.63 -22.39 -6.15
C ARG A 240 -6.50 -23.16 -6.83
N ASN A 241 -6.14 -22.81 -8.07
CA ASN A 241 -4.97 -23.43 -8.68
C ASN A 241 -3.72 -23.12 -7.87
N ARG A 242 -3.58 -21.89 -7.40
CA ARG A 242 -2.41 -21.52 -6.60
C ARG A 242 -2.37 -22.30 -5.30
N THR A 243 -3.53 -22.57 -4.72
CA THR A 243 -3.58 -23.34 -3.48
C THR A 243 -3.25 -24.80 -3.71
N LEU A 244 -3.87 -25.44 -4.71
CA LEU A 244 -3.57 -26.83 -5.00
C LEU A 244 -2.10 -27.01 -5.36
N ASN A 245 -1.55 -26.06 -6.12
CA ASN A 245 -0.14 -26.13 -6.47
C ASN A 245 0.73 -26.11 -5.22
N LEU A 246 0.45 -25.18 -4.30
CA LEU A 246 1.22 -25.13 -3.05
C LEU A 246 1.06 -26.42 -2.25
N ALA A 247 -0.14 -26.99 -2.26
CA ALA A 247 -0.37 -28.24 -1.55
C ALA A 247 0.38 -29.38 -2.20
N LYS A 248 0.47 -29.39 -3.54
CA LYS A 248 1.34 -30.36 -4.19
C LYS A 248 2.79 -30.12 -3.79
N LEU A 249 3.26 -28.87 -3.88
CA LEU A 249 4.66 -28.60 -3.65
C LEU A 249 5.12 -28.99 -2.25
N THR A 250 4.21 -29.12 -1.30
CA THR A 250 4.56 -29.42 0.08
C THR A 250 4.15 -30.82 0.49
N GLY A 251 3.70 -31.65 -0.44
CA GLY A 251 3.28 -32.99 -0.09
C GLY A 251 1.96 -33.01 0.68
N CYS A 252 1.08 -32.06 0.39
CA CYS A 252 -0.14 -31.84 1.15
C CYS A 252 -1.39 -32.09 0.32
N SER A 253 -1.24 -32.57 -0.90
CA SER A 253 -2.41 -32.94 -1.70
C SER A 253 -3.20 -34.03 -1.00
N ARG A 254 -4.44 -33.73 -0.64
CA ARG A 254 -5.41 -34.71 -0.20
C ARG A 254 -6.73 -34.44 -0.93
N GLU A 255 -7.67 -35.38 -0.83
CA GLU A 255 -8.92 -35.24 -1.54
C GLU A 255 -9.88 -34.29 -0.82
N ASN A 256 -10.22 -34.61 0.43
CA ASN A 256 -11.04 -33.71 1.22
C ASN A 256 -10.33 -32.35 1.37
N GLU A 257 -10.93 -31.31 0.81
CA GLU A 257 -10.29 -30.00 0.80
C GLU A 257 -9.97 -29.52 2.20
N THR A 258 -10.77 -29.92 3.18
CA THR A 258 -10.44 -29.54 4.54
C THR A 258 -9.18 -30.24 5.03
N GLU A 259 -8.95 -31.47 4.56
CA GLU A 259 -7.75 -32.23 4.95
C GLU A 259 -6.47 -31.58 4.45
N ILE A 260 -6.53 -30.88 3.32
CA ILE A 260 -5.34 -30.18 2.84
C ILE A 260 -4.89 -29.14 3.85
N ILE A 261 -5.85 -28.39 4.40
CA ILE A 261 -5.50 -27.26 5.26
C ILE A 261 -4.83 -27.73 6.53
N LYS A 262 -5.30 -28.83 7.14
CA LYS A 262 -4.62 -29.31 8.34
C LYS A 262 -3.22 -29.81 8.02
N CYS A 263 -3.01 -30.37 6.82
CA CYS A 263 -1.67 -30.70 6.37
C CYS A 263 -0.81 -29.45 6.27
N LEU A 264 -1.34 -28.40 5.63
CA LEU A 264 -0.58 -27.16 5.51
C LEU A 264 -0.30 -26.57 6.88
N ARG A 265 -1.19 -26.82 7.84
CA ARG A 265 -0.99 -26.26 9.18
C ARG A 265 0.13 -26.98 9.93
N ASN A 266 0.51 -28.17 9.50
CA ASN A 266 1.64 -28.85 10.15
C ASN A 266 2.98 -28.47 9.54
N LYS A 267 3.00 -27.96 8.31
CA LYS A 267 4.25 -27.52 7.73
C LYS A 267 4.80 -26.30 8.47
N ASP A 268 6.13 -26.17 8.47
CA ASP A 268 6.77 -25.00 9.07
C ASP A 268 6.53 -23.79 8.20
N PRO A 269 6.56 -22.59 8.78
CA PRO A 269 6.38 -21.38 7.96
C PRO A 269 7.36 -21.30 6.80
N GLN A 270 8.59 -21.77 6.97
CA GLN A 270 9.55 -21.67 5.88
C GLN A 270 9.26 -22.67 4.77
N GLU A 271 8.70 -23.84 5.10
CA GLU A 271 8.23 -24.76 4.07
C GLU A 271 7.25 -24.09 3.11
N ILE A 272 6.27 -23.39 3.68
CA ILE A 272 5.30 -22.67 2.86
C ILE A 272 5.98 -21.51 2.12
N LEU A 273 6.77 -20.72 2.85
CA LEU A 273 7.35 -19.51 2.27
C LEU A 273 8.25 -19.82 1.09
N LEU A 274 8.99 -20.93 1.18
CA LEU A 274 9.91 -21.34 0.12
C LEU A 274 9.18 -21.79 -1.14
N ASN A 275 7.93 -22.23 -1.02
CA ASN A 275 7.17 -22.73 -2.16
C ASN A 275 6.25 -21.69 -2.78
N GLU A 276 6.05 -20.55 -2.11
CA GLU A 276 5.11 -19.54 -2.61
C GLU A 276 5.46 -19.11 -4.03
N ALA A 277 6.75 -19.07 -4.36
CA ALA A 277 7.16 -18.51 -5.65
C ALA A 277 6.67 -19.35 -6.82
N PHE A 278 6.47 -20.65 -6.60
CA PHE A 278 6.23 -21.58 -7.70
C PHE A 278 4.76 -21.94 -7.88
N VAL A 279 3.84 -21.33 -7.14
CA VAL A 279 2.44 -21.63 -7.37
C VAL A 279 1.97 -21.05 -8.70
N VAL A 280 2.70 -20.09 -9.25
CA VAL A 280 2.44 -19.55 -10.58
C VAL A 280 3.50 -20.13 -11.54
N PRO A 281 3.12 -20.60 -12.73
CA PRO A 281 4.11 -21.30 -13.59
C PRO A 281 5.04 -20.33 -14.28
N TYR A 282 4.46 -19.26 -14.81
CA TYR A 282 5.19 -18.13 -15.37
C TYR A 282 4.74 -16.89 -14.61
N GLY A 283 5.68 -16.23 -13.94
CA GLY A 283 5.38 -15.02 -13.22
C GLY A 283 5.79 -13.78 -14.00
N THR A 284 5.56 -12.63 -13.36
CA THR A 284 6.10 -11.34 -13.76
C THR A 284 6.63 -10.66 -12.52
N PRO A 285 7.42 -9.61 -12.67
CA PRO A 285 7.82 -8.84 -11.48
C PRO A 285 6.65 -8.32 -10.68
N LEU A 286 5.49 -8.10 -11.31
CA LEU A 286 4.30 -7.68 -10.60
C LEU A 286 3.47 -8.84 -10.09
N SER A 287 4.01 -10.05 -10.10
CA SER A 287 3.24 -11.19 -9.64
C SER A 287 2.85 -11.04 -8.17
N VAL A 288 1.57 -11.20 -7.90
CA VAL A 288 1.01 -11.28 -6.54
C VAL A 288 0.45 -12.69 -6.40
N ASN A 289 1.21 -13.59 -5.78
CA ASN A 289 0.82 -15.00 -5.81
C ASN A 289 -0.36 -15.28 -4.90
N PHE A 290 -0.45 -14.56 -3.80
CA PHE A 290 -1.53 -14.74 -2.82
C PHE A 290 -2.05 -13.36 -2.45
N GLY A 291 -3.19 -12.99 -3.01
CA GLY A 291 -3.75 -11.70 -2.74
C GLY A 291 -5.24 -11.74 -2.47
N PRO A 292 -5.86 -10.57 -2.45
CA PRO A 292 -7.30 -10.51 -2.16
C PRO A 292 -8.12 -11.31 -3.17
N THR A 293 -9.22 -11.89 -2.69
CA THR A 293 -10.18 -12.59 -3.52
C THR A 293 -11.59 -12.18 -3.15
N VAL A 294 -12.51 -12.42 -4.07
CA VAL A 294 -13.93 -12.35 -3.81
C VAL A 294 -14.30 -13.50 -2.89
N ASP A 295 -14.33 -13.25 -1.58
CA ASP A 295 -14.63 -14.30 -0.62
C ASP A 295 -16.10 -14.38 -0.22
N GLY A 296 -16.94 -13.41 -0.61
CA GLY A 296 -18.29 -13.42 -0.09
C GLY A 296 -18.40 -13.03 1.36
N ASP A 297 -17.34 -12.45 1.93
CA ASP A 297 -17.38 -12.00 3.31
C ASP A 297 -16.80 -10.59 3.39
N PHE A 298 -15.49 -10.45 3.23
CA PHE A 298 -14.95 -9.12 3.12
C PHE A 298 -15.38 -8.49 1.80
N LEU A 299 -15.33 -9.27 0.72
CA LEU A 299 -15.78 -8.82 -0.60
C LEU A 299 -16.99 -9.65 -0.96
N THR A 300 -18.13 -8.99 -1.16
CA THR A 300 -19.37 -9.68 -1.42
C THR A 300 -19.61 -9.90 -2.91
N ASP A 301 -18.83 -9.25 -3.76
CA ASP A 301 -18.96 -9.42 -5.21
C ASP A 301 -17.65 -8.93 -5.82
N MET A 302 -17.47 -9.19 -7.11
CA MET A 302 -16.28 -8.70 -7.77
C MET A 302 -16.18 -7.20 -7.63
N PRO A 303 -15.07 -6.68 -7.14
CA PRO A 303 -15.05 -5.25 -6.76
C PRO A 303 -15.29 -4.30 -7.92
N ASP A 304 -14.94 -4.68 -9.14
CA ASP A 304 -15.14 -3.76 -10.28
C ASP A 304 -16.61 -3.50 -10.54
N ILE A 305 -17.46 -4.49 -10.26
CA ILE A 305 -18.90 -4.31 -10.36
C ILE A 305 -19.40 -3.39 -9.25
N LEU A 306 -18.86 -3.57 -8.03
CA LEU A 306 -19.23 -2.70 -6.93
C LEU A 306 -18.91 -1.24 -7.26
N LEU A 307 -17.70 -1.01 -7.80
CA LEU A 307 -17.28 0.34 -8.15
C LEU A 307 -18.19 0.95 -9.20
N GLU A 308 -18.44 0.20 -10.28
CA GLU A 308 -19.19 0.72 -11.41
C GLU A 308 -20.64 1.00 -11.06
N LEU A 309 -21.19 0.31 -10.05
CA LEU A 309 -22.58 0.51 -9.64
C LEU A 309 -22.68 1.24 -8.32
N GLY A 310 -21.67 2.03 -7.97
CA GLY A 310 -21.74 2.91 -6.81
C GLY A 310 -21.87 2.20 -5.47
N GLN A 311 -21.33 1.00 -5.34
CA GLN A 311 -21.50 0.20 -4.12
C GLN A 311 -20.25 0.30 -3.26
N PHE A 312 -20.11 1.46 -2.62
CA PHE A 312 -18.96 1.72 -1.78
C PHE A 312 -19.33 2.81 -0.79
N LYS A 313 -18.52 2.94 0.26
CA LYS A 313 -18.71 3.99 1.24
C LYS A 313 -18.64 5.36 0.58
N LYS A 314 -19.64 6.19 0.82
CA LYS A 314 -19.70 7.55 0.29
C LYS A 314 -18.96 8.48 1.25
N THR A 315 -17.81 9.01 0.80
CA THR A 315 -16.95 9.87 1.61
C THR A 315 -15.95 10.54 0.67
N GLN A 316 -15.03 11.34 1.21
CA GLN A 316 -14.01 11.94 0.36
C GLN A 316 -12.81 11.01 0.20
N ILE A 317 -12.10 11.15 -0.93
CA ILE A 317 -10.86 10.40 -1.14
C ILE A 317 -9.77 11.31 -1.64
N LEU A 318 -8.55 10.95 -1.28
CA LEU A 318 -7.31 11.56 -1.75
C LEU A 318 -6.52 10.48 -2.47
N VAL A 319 -6.23 10.69 -3.76
CA VAL A 319 -5.67 9.64 -4.63
C VAL A 319 -4.52 10.24 -5.42
N GLY A 320 -3.45 9.47 -5.60
CA GLY A 320 -2.37 10.03 -6.39
C GLY A 320 -1.32 8.99 -6.72
N VAL A 321 -0.44 9.38 -7.64
CA VAL A 321 0.61 8.50 -8.15
C VAL A 321 1.89 9.30 -8.26
N ASN A 322 2.96 8.60 -8.57
CA ASN A 322 4.30 9.16 -8.75
C ASN A 322 4.64 9.19 -10.23
N LYS A 323 5.54 10.11 -10.60
CA LYS A 323 5.98 10.25 -11.99
C LYS A 323 6.54 8.93 -12.55
N ASP A 324 7.38 8.23 -11.79
CA ASP A 324 8.03 7.07 -12.40
C ASP A 324 7.72 5.78 -11.66
N GLU A 325 6.43 5.45 -11.59
CA GLU A 325 5.96 4.25 -10.87
C GLU A 325 6.63 2.99 -11.38
N GLY A 326 6.79 2.85 -12.69
CA GLY A 326 7.16 1.57 -13.25
C GLY A 326 8.63 1.20 -13.15
N THR A 327 9.53 2.18 -12.97
CA THR A 327 10.95 1.89 -13.17
C THR A 327 11.48 0.87 -12.18
N ALA A 328 10.95 0.84 -10.96
CA ALA A 328 11.45 -0.10 -9.96
C ALA A 328 11.37 -1.54 -10.49
N PHE A 329 10.27 -1.88 -11.14
CA PHE A 329 10.05 -3.24 -11.60
C PHE A 329 11.00 -3.61 -12.75
N LEU A 330 11.51 -2.60 -13.46
CA LEU A 330 12.40 -2.86 -14.60
C LEU A 330 13.70 -3.56 -14.19
N VAL A 331 14.22 -3.28 -13.00
CA VAL A 331 15.46 -3.94 -12.58
C VAL A 331 15.19 -5.24 -11.86
N TYR A 332 13.94 -5.63 -11.66
CA TYR A 332 13.62 -6.94 -11.12
C TYR A 332 13.24 -7.93 -12.20
N GLY A 333 13.80 -7.81 -13.39
CA GLY A 333 13.49 -8.79 -14.42
C GLY A 333 13.62 -8.39 -15.89
N ALA A 334 13.58 -7.08 -16.21
CA ALA A 334 13.64 -6.74 -17.64
C ALA A 334 15.07 -6.83 -18.16
N PRO A 335 15.26 -7.33 -19.38
CA PRO A 335 16.62 -7.50 -19.92
C PRO A 335 17.30 -6.19 -20.26
N GLY A 336 18.59 -6.12 -19.94
CA GLY A 336 19.40 -4.94 -20.21
C GLY A 336 19.27 -3.84 -19.18
N PHE A 337 18.45 -4.02 -18.15
CA PHE A 337 18.26 -3.04 -17.11
C PHE A 337 19.18 -3.33 -15.93
N SER A 338 19.67 -2.29 -15.27
CA SER A 338 20.51 -2.46 -14.11
C SER A 338 20.49 -1.17 -13.30
N LYS A 339 20.51 -1.30 -11.96
CA LYS A 339 20.71 -0.13 -11.10
C LYS A 339 22.16 0.37 -11.10
N ASP A 340 23.08 -0.28 -11.82
CA ASP A 340 24.47 0.12 -11.83
C ASP A 340 24.93 0.69 -13.17
N ASN A 341 24.05 0.79 -14.18
CA ASN A 341 24.39 1.46 -15.43
C ASN A 341 23.15 2.23 -15.90
N ASN A 342 23.28 2.98 -17.01
CA ASN A 342 22.21 3.84 -17.52
C ASN A 342 21.11 3.09 -18.25
N SER A 343 21.24 1.76 -18.41
CA SER A 343 20.14 0.89 -18.87
C SER A 343 19.56 1.37 -20.20
N ILE A 344 20.42 1.91 -21.06
CA ILE A 344 20.00 2.19 -22.43
C ILE A 344 19.73 0.88 -23.15
N ILE A 345 18.50 0.70 -23.60
CA ILE A 345 18.13 -0.53 -24.28
C ILE A 345 17.68 -0.20 -25.69
N THR A 346 17.86 -1.17 -26.57
CA THR A 346 17.50 -1.07 -27.98
C THR A 346 16.03 -1.41 -28.18
N ARG A 347 15.58 -1.34 -29.44
CA ARG A 347 14.20 -1.71 -29.74
C ARG A 347 13.96 -3.20 -29.51
N LYS A 348 14.97 -4.04 -29.83
CA LYS A 348 14.80 -5.47 -29.59
C LYS A 348 14.67 -5.74 -28.09
N GLU A 349 15.52 -5.13 -27.27
CA GLU A 349 15.44 -5.37 -25.83
C GLU A 349 14.11 -4.89 -25.25
N PHE A 350 13.55 -3.80 -25.79
CA PHE A 350 12.23 -3.35 -25.36
C PHE A 350 11.16 -4.39 -25.70
N GLN A 351 11.27 -5.04 -26.87
CA GLN A 351 10.25 -6.03 -27.23
C GLN A 351 10.29 -7.25 -26.29
N GLU A 352 11.48 -7.70 -25.89
CA GLU A 352 11.56 -8.77 -24.89
C GLU A 352 11.09 -8.28 -23.52
N GLY A 353 11.33 -7.00 -23.20
CA GLY A 353 10.75 -6.43 -22.00
C GLY A 353 9.25 -6.60 -21.92
N LEU A 354 8.55 -6.42 -23.05
CA LEU A 354 7.10 -6.57 -23.03
C LEU A 354 6.71 -8.02 -22.81
N LYS A 355 7.44 -8.95 -23.42
CA LYS A 355 7.21 -10.37 -23.18
C LYS A 355 7.32 -10.70 -21.70
N ILE A 356 8.27 -10.07 -20.99
CA ILE A 356 8.40 -10.24 -19.54
C ILE A 356 7.12 -9.78 -18.83
N PHE A 357 6.65 -8.57 -19.12
CA PHE A 357 5.58 -8.00 -18.32
C PHE A 357 4.19 -8.40 -18.80
N PHE A 358 4.07 -8.85 -20.03
CA PHE A 358 2.78 -9.25 -20.61
C PHE A 358 2.91 -10.65 -21.19
N PRO A 359 3.16 -11.64 -20.34
CA PRO A 359 3.53 -12.97 -20.87
C PRO A 359 2.44 -13.62 -21.68
N GLY A 360 1.19 -13.51 -21.24
CA GLY A 360 0.12 -14.22 -21.91
C GLY A 360 -0.70 -13.37 -22.86
N VAL A 361 -0.08 -12.30 -23.40
CA VAL A 361 -0.76 -11.36 -24.29
C VAL A 361 -0.38 -11.66 -25.73
N SER A 362 -1.35 -11.53 -26.64
CA SER A 362 -1.15 -11.90 -28.03
C SER A 362 0.00 -11.13 -28.65
N GLU A 363 0.49 -11.66 -29.77
CA GLU A 363 1.51 -10.95 -30.50
C GLU A 363 0.97 -9.60 -30.97
N PHE A 364 -0.32 -9.55 -31.31
CA PHE A 364 -0.94 -8.31 -31.73
C PHE A 364 -1.06 -7.32 -30.57
N GLY A 365 -1.39 -7.83 -29.38
CA GLY A 365 -1.39 -6.96 -28.21
C GLY A 365 -0.06 -6.29 -27.98
N LYS A 366 1.03 -7.05 -28.09
CA LYS A 366 2.34 -6.48 -27.84
C LYS A 366 2.71 -5.45 -28.90
N GLU A 367 2.33 -5.65 -30.16
CA GLU A 367 2.63 -4.63 -31.16
C GLU A 367 1.85 -3.34 -30.88
N SER A 368 0.63 -3.45 -30.33
CA SER A 368 -0.14 -2.25 -29.99
C SER A 368 0.52 -1.43 -28.90
N ILE A 369 1.00 -2.08 -27.84
CA ILE A 369 1.74 -1.36 -26.81
C ILE A 369 2.93 -0.65 -27.42
N LEU A 370 3.75 -1.41 -28.17
CA LEU A 370 4.89 -0.83 -28.87
C LEU A 370 4.46 0.38 -29.68
N PHE A 371 3.40 0.23 -30.49
CA PHE A 371 3.00 1.32 -31.38
C PHE A 371 2.54 2.53 -30.59
N HIS A 372 1.85 2.30 -29.47
CA HIS A 372 1.35 3.43 -28.71
C HIS A 372 2.46 4.20 -28.03
N TYR A 373 3.56 3.55 -27.66
CA TYR A 373 4.55 4.13 -26.78
C TYR A 373 5.84 4.50 -27.50
N THR A 374 5.88 4.39 -28.82
CA THR A 374 7.10 4.72 -29.56
C THR A 374 6.83 5.78 -30.60
N ASP A 375 6.00 6.76 -30.25
CA ASP A 375 5.85 7.97 -31.07
C ASP A 375 6.83 9.00 -30.55
N TRP A 376 8.06 8.93 -31.06
CA TRP A 376 9.17 9.69 -30.51
C TRP A 376 8.97 11.19 -30.69
N VAL A 377 9.12 11.93 -29.59
CA VAL A 377 9.37 13.36 -29.70
C VAL A 377 10.69 13.61 -30.42
N ASP A 378 11.74 12.89 -30.00
CA ASP A 378 13.06 12.95 -30.63
C ASP A 378 13.45 11.53 -30.99
N ASP A 379 13.52 11.24 -32.30
CA ASP A 379 13.89 9.88 -32.71
C ASP A 379 15.28 9.52 -32.22
N GLN A 380 16.18 10.49 -32.13
CA GLN A 380 17.58 10.22 -31.85
C GLN A 380 17.88 9.91 -30.38
N ARG A 381 17.01 10.31 -29.47
CA ARG A 381 17.17 10.06 -28.03
C ARG A 381 17.36 8.57 -27.75
N PRO A 382 18.51 8.15 -27.22
CA PRO A 382 18.75 6.71 -27.00
C PRO A 382 18.16 6.15 -25.72
N GLU A 383 17.77 7.00 -24.78
CA GLU A 383 16.97 6.58 -23.62
C GLU A 383 15.52 6.25 -23.99
N ASN A 384 15.15 6.41 -25.27
CA ASN A 384 13.75 6.35 -25.66
C ASN A 384 13.11 5.02 -25.24
N TYR A 385 13.74 3.90 -25.58
CA TYR A 385 13.13 2.62 -25.24
C TYR A 385 13.17 2.35 -23.74
N ARG A 386 14.27 2.72 -23.08
CA ARG A 386 14.33 2.61 -21.63
C ARG A 386 13.17 3.35 -20.98
N GLU A 387 12.96 4.60 -21.36
CA GLU A 387 11.91 5.38 -20.75
C GLU A 387 10.54 4.85 -21.12
N ALA A 388 10.38 4.42 -22.38
CA ALA A 388 9.08 3.93 -22.80
C ALA A 388 8.67 2.69 -22.02
N LEU A 389 9.64 1.82 -21.69
CA LEU A 389 9.29 0.58 -21.01
C LEU A 389 8.81 0.86 -19.59
N GLY A 390 9.50 1.77 -18.89
CA GLY A 390 9.04 2.16 -17.56
C GLY A 390 7.66 2.78 -17.59
N ASP A 391 7.38 3.57 -18.61
CA ASP A 391 6.08 4.22 -18.68
C ASP A 391 4.97 3.21 -18.96
N VAL A 392 5.23 2.24 -19.85
CA VAL A 392 4.28 1.15 -20.07
C VAL A 392 3.91 0.51 -18.74
N VAL A 393 4.91 0.06 -17.99
CA VAL A 393 4.64 -0.65 -16.75
C VAL A 393 3.97 0.27 -15.73
N GLY A 394 4.41 1.53 -15.66
CA GLY A 394 3.81 2.45 -14.70
C GLY A 394 2.39 2.85 -15.08
N ASP A 395 2.16 3.17 -16.35
CA ASP A 395 0.83 3.57 -16.76
C ASP A 395 -0.16 2.43 -16.59
N TYR A 396 0.26 1.22 -16.95
CA TYR A 396 -0.64 0.08 -16.93
C TYR A 396 -0.91 -0.39 -15.50
N ASN A 397 0.09 -0.34 -14.62
CA ASN A 397 -0.05 -0.99 -13.33
C ASN A 397 -0.50 -0.07 -12.21
N PHE A 398 -0.38 1.24 -12.39
CA PHE A 398 -0.65 2.13 -11.26
C PHE A 398 -1.42 3.36 -11.67
N ILE A 399 -0.91 4.12 -12.64
CA ILE A 399 -1.50 5.44 -12.91
C ILE A 399 -2.90 5.30 -13.50
N CYS A 400 -3.01 4.66 -14.66
CA CYS A 400 -4.32 4.48 -15.27
C CYS A 400 -5.35 3.81 -14.35
N PRO A 401 -5.03 2.74 -13.61
CA PRO A 401 -6.02 2.23 -12.65
C PRO A 401 -6.41 3.25 -11.57
N ALA A 402 -5.45 4.02 -11.05
CA ALA A 402 -5.83 5.03 -10.05
C ALA A 402 -6.68 6.14 -10.65
N LEU A 403 -6.42 6.52 -11.91
CA LEU A 403 -7.28 7.52 -12.52
C LEU A 403 -8.68 6.97 -12.74
N GLU A 404 -8.77 5.71 -13.20
CA GLU A 404 -10.10 5.17 -13.45
CA GLU A 404 -10.08 5.09 -13.44
C GLU A 404 -10.85 4.97 -12.13
N PHE A 405 -10.15 4.61 -11.06
CA PHE A 405 -10.81 4.52 -9.77
C PHE A 405 -11.36 5.88 -9.34
N THR A 406 -10.56 6.94 -9.54
CA THR A 406 -11.00 8.25 -9.07
C THR A 406 -12.14 8.80 -9.92
N LYS A 407 -12.18 8.52 -11.23
CA LYS A 407 -13.34 8.93 -12.02
C LYS A 407 -14.61 8.22 -11.53
N LYS A 408 -14.57 6.88 -11.51
CA LYS A 408 -15.77 6.13 -11.14
C LYS A 408 -16.24 6.52 -9.73
N PHE A 409 -15.32 6.63 -8.79
CA PHE A 409 -15.71 6.97 -7.43
C PHE A 409 -16.37 8.34 -7.36
N SER A 410 -15.75 9.34 -7.98
CA SER A 410 -16.28 10.70 -7.92
C SER A 410 -17.60 10.85 -8.64
N GLU A 411 -17.90 9.96 -9.58
CA GLU A 411 -19.15 10.01 -10.34
C GLU A 411 -20.37 9.75 -9.48
N TRP A 412 -20.20 9.36 -8.23
CA TRP A 412 -21.31 9.20 -7.32
C TRP A 412 -21.39 10.35 -6.33
N GLY A 413 -20.77 11.47 -6.63
CA GLY A 413 -21.05 12.70 -5.93
C GLY A 413 -20.11 13.07 -4.80
N ASN A 414 -19.15 12.23 -4.43
CA ASN A 414 -18.20 12.60 -3.39
C ASN A 414 -17.00 13.37 -3.93
N ASN A 415 -16.44 14.21 -3.08
CA ASN A 415 -15.26 14.97 -3.44
C ASN A 415 -14.05 14.04 -3.51
N ALA A 416 -13.29 14.14 -4.59
CA ALA A 416 -12.06 13.39 -4.79
C ALA A 416 -10.95 14.38 -5.11
N PHE A 417 -9.73 14.09 -4.66
CA PHE A 417 -8.60 14.93 -4.98
C PHE A 417 -7.47 14.04 -5.46
N PHE A 418 -6.85 14.41 -6.59
CA PHE A 418 -5.80 13.62 -7.22
C PHE A 418 -4.48 14.40 -7.24
N TYR A 419 -3.37 13.68 -7.01
CA TYR A 419 -2.05 14.31 -7.03
C TYR A 419 -1.09 13.54 -7.92
N TYR A 420 -0.13 14.26 -8.48
CA TYR A 420 0.94 13.70 -9.29
C TYR A 420 2.24 14.10 -8.63
N PHE A 421 2.83 13.18 -7.87
CA PHE A 421 4.07 13.47 -7.14
C PHE A 421 5.24 13.34 -8.11
N GLU A 422 6.00 14.42 -8.28
CA GLU A 422 7.07 14.38 -9.28
C GLU A 422 8.38 14.93 -8.73
N HIS A 423 8.65 14.76 -7.45
CA HIS A 423 9.93 15.15 -6.88
C HIS A 423 10.75 13.92 -6.55
N ARG A 424 12.00 13.92 -7.02
CA ARG A 424 12.95 12.85 -6.71
C ARG A 424 13.73 13.21 -5.45
N SER A 425 13.53 12.43 -4.39
CA SER A 425 14.23 12.64 -3.13
C SER A 425 15.74 12.81 -3.34
N SER A 426 16.32 13.83 -2.69
CA SER A 426 17.76 14.05 -2.80
C SER A 426 18.55 12.91 -2.17
N LYS A 427 17.92 12.09 -1.35
CA LYS A 427 18.62 10.96 -0.73
C LYS A 427 18.24 9.63 -1.36
N LEU A 428 17.61 9.64 -2.53
CA LEU A 428 17.13 8.40 -3.14
C LEU A 428 18.34 7.56 -3.57
N PRO A 429 18.49 6.35 -3.06
CA PRO A 429 19.72 5.58 -3.31
C PRO A 429 19.79 4.93 -4.69
N TRP A 430 18.66 4.88 -5.43
CA TRP A 430 18.68 4.29 -6.76
C TRP A 430 19.13 5.29 -7.82
N PRO A 431 19.69 4.83 -8.94
CA PRO A 431 20.29 5.76 -9.91
C PRO A 431 19.28 6.71 -10.51
N GLU A 432 19.80 7.74 -11.17
CA GLU A 432 18.94 8.85 -11.60
C GLU A 432 17.98 8.45 -12.73
N TRP A 433 18.35 7.47 -13.56
CA TRP A 433 17.45 7.10 -14.65
C TRP A 433 16.13 6.53 -14.14
N MET A 434 16.06 6.15 -12.88
CA MET A 434 14.86 5.53 -12.32
C MET A 434 13.86 6.53 -11.78
N GLY A 435 14.25 7.81 -11.67
CA GLY A 435 13.29 8.90 -11.50
C GLY A 435 12.55 8.88 -10.17
N VAL A 436 11.27 9.23 -10.22
CA VAL A 436 10.47 9.39 -9.01
C VAL A 436 9.76 8.07 -8.73
N MET A 437 10.46 7.15 -8.08
CA MET A 437 10.06 5.76 -8.08
C MET A 437 8.86 5.50 -7.20
N HIS A 438 8.27 4.33 -7.43
CA HIS A 438 7.31 3.71 -6.52
C HIS A 438 7.83 3.74 -5.10
N GLY A 439 7.03 4.26 -4.18
CA GLY A 439 7.36 4.18 -2.77
C GLY A 439 8.12 5.35 -2.20
N TYR A 440 8.64 6.26 -3.02
CA TYR A 440 9.54 7.30 -2.50
C TYR A 440 8.86 8.67 -2.37
N GLU A 441 7.54 8.69 -2.27
CA GLU A 441 6.86 9.82 -1.68
C GLU A 441 6.57 9.58 -0.20
N ILE A 442 6.62 8.33 0.24
CA ILE A 442 6.22 8.00 1.60
C ILE A 442 7.01 8.82 2.62
N GLU A 443 8.33 8.94 2.42
CA GLU A 443 9.15 9.66 3.39
C GLU A 443 8.72 11.12 3.46
N PHE A 444 8.16 11.65 2.39
CA PHE A 444 7.66 13.02 2.43
C PHE A 444 6.34 13.09 3.19
N VAL A 445 5.49 12.08 3.03
CA VAL A 445 4.20 12.08 3.72
C VAL A 445 4.40 11.93 5.22
N PHE A 446 5.38 11.13 5.63
CA PHE A 446 5.61 10.90 7.05
C PHE A 446 6.50 11.96 7.68
N GLY A 447 6.96 12.93 6.90
CA GLY A 447 7.68 14.07 7.42
C GLY A 447 9.14 13.85 7.75
N LEU A 448 9.77 12.81 7.20
CA LEU A 448 11.20 12.63 7.46
C LEU A 448 12.04 13.84 7.06
N PRO A 449 11.77 14.55 5.96
CA PRO A 449 12.59 15.73 5.66
C PRO A 449 12.40 16.87 6.64
N LEU A 450 11.38 16.82 7.50
CA LEU A 450 11.26 17.82 8.55
C LEU A 450 12.43 17.73 9.53
N GLU A 451 13.15 16.61 9.57
CA GLU A 451 14.33 16.50 10.42
C GLU A 451 15.52 17.11 9.72
N ARG A 452 15.99 18.26 10.23
CA ARG A 452 17.06 18.99 9.59
C ARG A 452 18.39 18.25 9.63
N ARG A 453 18.55 17.31 10.58
CA ARG A 453 19.80 16.55 10.70
C ARG A 453 19.95 15.46 9.64
N ASP A 454 18.96 15.24 8.77
CA ASP A 454 18.97 14.10 7.85
C ASP A 454 19.44 14.44 6.44
N GLN A 455 19.94 15.65 6.21
CA GLN A 455 20.58 16.02 4.95
C GLN A 455 19.63 15.95 3.75
N TYR A 456 18.31 16.02 3.99
CA TYR A 456 17.40 16.48 2.94
C TYR A 456 17.63 17.97 2.70
N THR A 457 17.29 18.42 1.50
CA THR A 457 17.50 19.83 1.20
C THR A 457 16.44 20.70 1.88
N LYS A 458 16.71 22.00 1.91
CA LYS A 458 15.73 22.92 2.47
C LYS A 458 14.44 22.89 1.67
N ALA A 459 14.56 22.85 0.34
CA ALA A 459 13.37 22.75 -0.51
C ALA A 459 12.54 21.53 -0.12
N GLU A 460 13.20 20.45 0.32
CA GLU A 460 12.48 19.26 0.71
C GLU A 460 11.76 19.44 2.04
N GLU A 461 12.35 20.19 2.97
CA GLU A 461 11.64 20.50 4.20
C GLU A 461 10.33 21.22 3.89
N ILE A 462 10.39 22.22 3.01
CA ILE A 462 9.18 22.97 2.68
C ILE A 462 8.15 22.05 2.07
N LEU A 463 8.56 21.25 1.08
CA LEU A 463 7.62 20.38 0.38
C LEU A 463 7.00 19.36 1.31
N SER A 464 7.81 18.67 2.11
CA SER A 464 7.26 17.74 3.08
C SER A 464 6.35 18.46 4.07
N ARG A 465 6.73 19.65 4.51
CA ARG A 465 5.90 20.36 5.46
C ARG A 465 4.55 20.68 4.84
N SER A 466 4.53 20.97 3.54
N SER A 466 4.53 20.99 3.53
CA SER A 466 3.27 21.29 2.88
CA SER A 466 3.27 21.29 2.87
C SER A 466 2.43 20.04 2.66
C SER A 466 2.43 20.03 2.69
N ILE A 467 3.06 18.93 2.28
CA ILE A 467 2.32 17.68 2.09
C ILE A 467 1.76 17.18 3.41
N VAL A 468 2.56 17.25 4.47
CA VAL A 468 2.05 16.88 5.78
C VAL A 468 0.83 17.71 6.15
N LYS A 469 0.85 19.01 5.85
CA LYS A 469 -0.31 19.83 6.19
C LYS A 469 -1.50 19.48 5.32
N ARG A 470 -1.27 19.27 4.02
CA ARG A 470 -2.37 18.86 3.14
C ARG A 470 -2.98 17.54 3.60
N TRP A 471 -2.15 16.56 3.99
CA TRP A 471 -2.68 15.27 4.42
C TRP A 471 -3.45 15.41 5.72
N ALA A 472 -2.90 16.18 6.67
CA ALA A 472 -3.60 16.38 7.94
C ALA A 472 -4.91 17.13 7.73
N ASN A 473 -4.87 18.19 6.91
CA ASN A 473 -6.11 18.91 6.62
C ASN A 473 -7.13 17.99 5.94
N PHE A 474 -6.67 17.07 5.11
CA PHE A 474 -7.63 16.13 4.54
C PHE A 474 -8.23 15.24 5.63
N ALA A 475 -7.39 14.76 6.54
CA ALA A 475 -7.92 13.92 7.61
C ALA A 475 -8.87 14.70 8.49
N LYS A 476 -8.43 15.87 8.97
CA LYS A 476 -9.24 16.63 9.92
C LYS A 476 -10.53 17.09 9.27
N TYR A 477 -10.45 17.57 8.03
CA TYR A 477 -11.54 18.35 7.48
C TYR A 477 -12.00 17.86 6.10
N GLY A 478 -11.40 16.81 5.56
CA GLY A 478 -11.80 16.33 4.23
C GLY A 478 -11.55 17.33 3.12
N ASN A 479 -10.53 18.19 3.26
CA ASN A 479 -10.16 19.17 2.26
C ASN A 479 -8.65 19.39 2.29
N PRO A 480 -7.88 18.94 1.29
CA PRO A 480 -6.41 18.91 1.43
C PRO A 480 -5.73 20.22 1.04
N GLN A 481 -6.12 21.30 1.68
CA GLN A 481 -5.51 22.60 1.39
C GLN A 481 -4.32 22.86 2.31
N GLU A 482 -3.47 23.76 1.86
CA GLU A 482 -2.51 24.47 2.72
C GLU A 482 -2.95 25.91 2.65
N THR A 483 -3.63 26.38 3.69
CA THR A 483 -4.36 27.63 3.53
C THR A 483 -3.54 28.85 3.88
N GLN A 484 -2.36 28.69 4.48
CA GLN A 484 -1.71 29.85 5.07
C GLN A 484 -0.59 30.43 4.25
N ASN A 485 0.01 29.66 3.35
CA ASN A 485 1.26 30.11 2.74
C ASN A 485 1.08 30.32 1.25
N GLN A 486 0.05 31.11 0.87
CA GLN A 486 -0.33 31.39 -0.52
C GLN A 486 -0.15 30.20 -1.46
N SER A 487 -0.44 28.99 -0.99
CA SER A 487 -0.22 27.81 -1.81
C SER A 487 -1.15 27.81 -3.03
N THR A 488 -0.94 26.84 -3.90
CA THR A 488 -1.91 26.56 -4.94
C THR A 488 -3.12 25.86 -4.33
N SER A 489 -4.31 26.31 -4.71
CA SER A 489 -5.50 25.64 -4.24
C SER A 489 -5.69 24.31 -4.96
N TRP A 490 -6.03 23.28 -4.20
CA TRP A 490 -6.15 21.93 -4.76
C TRP A 490 -7.60 21.69 -5.15
N PRO A 491 -7.94 21.66 -6.44
CA PRO A 491 -9.34 21.49 -6.87
C PRO A 491 -9.80 20.04 -6.83
N VAL A 492 -11.12 19.86 -6.72
CA VAL A 492 -11.71 18.52 -6.71
C VAL A 492 -11.53 17.88 -8.08
N PHE A 493 -11.35 16.56 -8.07
CA PHE A 493 -11.29 15.79 -9.32
C PHE A 493 -12.70 15.46 -9.75
N LYS A 494 -13.14 16.09 -10.84
CA LYS A 494 -14.45 15.87 -11.42
C LYS A 494 -14.29 15.10 -12.72
N SER A 495 -15.25 14.23 -13.03
CA SER A 495 -15.15 13.39 -14.21
C SER A 495 -14.99 14.22 -15.49
N THR A 496 -15.67 15.34 -15.58
CA THR A 496 -15.73 16.09 -16.82
C THR A 496 -14.73 17.23 -16.86
N GLU A 497 -13.48 16.97 -16.46
CA GLU A 497 -12.40 17.97 -16.45
C GLU A 497 -11.14 17.32 -15.89
N GLN A 498 -11.30 16.55 -14.82
CA GLN A 498 -10.26 15.65 -14.33
C GLN A 498 -9.02 16.44 -13.91
N LYS A 499 -9.24 17.40 -13.01
CA LYS A 499 -8.19 18.31 -12.57
C LYS A 499 -7.34 17.65 -11.49
N TYR A 500 -6.03 17.84 -11.57
CA TYR A 500 -5.17 17.30 -10.54
C TYR A 500 -4.09 18.30 -10.15
N LEU A 501 -3.46 18.04 -9.01
CA LEU A 501 -2.40 18.86 -8.46
C LEU A 501 -1.05 18.14 -8.60
N THR A 502 -0.05 18.82 -9.13
CA THR A 502 1.31 18.32 -9.09
C THR A 502 2.01 18.77 -7.81
N LEU A 503 2.72 17.85 -7.18
CA LEU A 503 3.54 18.14 -6.01
C LEU A 503 5.00 18.09 -6.41
N ASN A 504 5.74 19.15 -6.11
CA ASN A 504 7.18 19.20 -6.31
C ASN A 504 7.72 20.38 -5.53
N THR A 505 9.01 20.64 -5.67
CA THR A 505 9.63 21.71 -4.91
C THR A 505 9.53 23.04 -5.64
N GLU A 506 9.57 23.01 -6.96
CA GLU A 506 9.77 24.24 -7.72
C GLU A 506 8.49 25.06 -7.85
N SER A 507 7.35 24.39 -8.05
CA SER A 507 6.10 25.06 -8.38
C SER A 507 4.95 24.07 -8.51
N THR A 508 4.06 24.10 -7.56
CA THR A 508 2.90 23.22 -7.52
C THR A 508 1.80 23.80 -8.42
N ARG A 509 1.42 23.07 -9.48
CA ARG A 509 0.47 23.57 -10.47
C ARG A 509 -0.73 22.64 -10.62
N ILE A 510 -1.78 23.19 -11.24
CA ILE A 510 -2.98 22.44 -11.60
C ILE A 510 -2.93 22.12 -13.07
N MET A 511 -3.16 20.85 -13.39
CA MET A 511 -3.19 20.32 -14.73
C MET A 511 -4.47 19.52 -14.89
N THR A 512 -4.70 18.99 -16.08
CA THR A 512 -5.94 18.27 -16.36
C THR A 512 -5.64 17.03 -17.18
N LYS A 513 -6.49 16.01 -17.02
CA LYS A 513 -6.53 14.80 -17.85
C LYS A 513 -5.15 14.17 -17.97
N LEU A 514 -4.65 13.72 -16.82
CA LEU A 514 -3.33 13.10 -16.74
C LEU A 514 -3.26 11.80 -17.53
N ARG A 515 -2.23 11.65 -18.37
CA ARG A 515 -2.01 10.44 -19.16
C ARG A 515 -3.23 10.11 -20.03
N ALA A 516 -3.92 11.16 -20.49
CA ALA A 516 -5.19 10.98 -21.18
C ALA A 516 -5.11 9.90 -22.26
N GLN A 517 -4.12 10.03 -23.16
CA GLN A 517 -4.06 9.13 -24.30
C GLN A 517 -3.57 7.75 -23.89
N GLN A 518 -2.50 7.69 -23.09
CA GLN A 518 -2.06 6.41 -22.54
C GLN A 518 -3.22 5.71 -21.85
N CYS A 519 -4.02 6.45 -21.07
CA CYS A 519 -5.02 5.78 -20.26
C CYS A 519 -6.25 5.37 -21.08
N ARG A 520 -6.61 6.09 -22.14
CA ARG A 520 -7.61 5.54 -23.06
C ARG A 520 -7.16 4.21 -23.64
N PHE A 521 -5.86 4.08 -23.90
CA PHE A 521 -5.36 2.85 -24.48
C PHE A 521 -5.47 1.70 -23.49
N TRP A 522 -5.05 1.92 -22.25
CA TRP A 522 -5.00 0.81 -21.31
C TRP A 522 -6.36 0.50 -20.73
N THR A 523 -7.20 1.51 -20.55
CA THR A 523 -8.49 1.30 -19.90
C THR A 523 -9.58 0.90 -20.87
N SER A 524 -9.55 1.38 -22.12
CA SER A 524 -10.59 1.06 -23.09
C SER A 524 -10.15 0.07 -24.15
N PHE A 525 -9.03 0.30 -24.83
CA PHE A 525 -8.69 -0.55 -25.97
C PHE A 525 -8.03 -1.85 -25.53
N PHE A 526 -6.96 -1.76 -24.71
CA PHE A 526 -6.16 -2.93 -24.37
C PHE A 526 -6.97 -4.08 -23.79
N PRO A 527 -8.04 -3.85 -23.02
CA PRO A 527 -8.86 -4.99 -22.58
C PRO A 527 -9.43 -5.84 -23.72
N LYS A 528 -9.55 -5.30 -24.94
CA LYS A 528 -10.12 -6.06 -26.04
C LYS A 528 -9.13 -7.06 -26.68
N VAL A 529 -7.87 -7.07 -26.27
CA VAL A 529 -6.88 -7.90 -26.95
C VAL A 529 -6.69 -9.26 -26.27
C1 NAG B . -15.15 14.37 19.99
C2 NAG B . -16.09 14.52 21.20
C3 NAG B . -17.46 13.91 20.89
C4 NAG B . -18.03 14.44 19.56
C5 NAG B . -17.00 14.29 18.45
C6 NAG B . -17.41 14.91 17.11
C7 NAG B . -14.55 14.42 23.14
C8 NAG B . -14.11 13.61 24.32
N2 NAG B . -15.53 13.89 22.39
O3 NAG B . -18.36 14.17 21.96
O4 NAG B . -19.18 13.66 19.23
O5 NAG B . -15.77 14.93 18.83
O6 NAG B . -16.45 14.66 16.07
O7 NAG B . -14.05 15.51 22.87
C1 NAG B . -20.45 14.20 19.64
C2 NAG B . -21.52 13.53 18.77
C3 NAG B . -22.91 14.07 19.13
C4 NAG B . -23.17 13.87 20.61
C5 NAG B . -22.06 14.52 21.44
C6 NAG B . -22.20 14.27 22.93
C7 NAG B . -21.07 14.87 16.73
C8 NAG B . -20.81 14.79 15.25
N2 NAG B . -21.25 13.69 17.34
O3 NAG B . -23.89 13.40 18.36
O4 NAG B . -24.43 14.44 20.97
O5 NAG B . -20.77 14.00 21.05
O6 NAG B . -23.52 14.53 23.38
O7 NAG B . -21.10 15.94 17.33
C1 FUC B . -16.74 15.38 14.82
C2 FUC B . -15.45 15.55 13.84
C3 FUC B . -15.15 14.30 12.90
C4 FUC B . -16.45 13.75 12.25
C5 FUC B . -17.57 13.59 13.31
C6 FUC B . -18.92 13.18 12.70
O2 FUC B . -14.28 15.99 14.52
O3 FUC B . -14.16 14.58 11.81
O4 FUC B . -16.87 14.61 11.19
O5 FUC B . -17.84 14.79 14.10
C1 NAG C . -2.63 -24.55 -12.87
C2 NAG C . -2.05 -23.81 -14.07
C3 NAG C . -1.46 -24.79 -15.08
C4 NAG C . -0.45 -25.70 -14.41
C5 NAG C . -1.01 -26.34 -13.14
C6 NAG C . 0.05 -27.04 -12.32
C7 NAG C . -2.96 -21.67 -14.89
C8 NAG C . -1.71 -21.03 -14.38
N2 NAG C . -3.08 -22.98 -14.72
O3 NAG C . -0.86 -24.07 -16.15
O4 NAG C . -0.11 -26.76 -15.31
O5 NAG C . -1.59 -25.35 -12.27
O6 NAG C . 1.17 -26.19 -12.12
O7 NAG C . -3.84 -21.01 -15.45
C1 NAG C . 1.27 -26.78 -15.74
C2 NAG C . 1.62 -28.18 -16.31
C3 NAG C . 3.05 -28.19 -16.88
C4 NAG C . 3.25 -27.05 -17.86
C5 NAG C . 2.91 -25.73 -17.19
C6 NAG C . 3.05 -24.54 -18.11
C7 NAG C . 0.29 -29.80 -15.04
C8 NAG C . 0.32 -30.86 -13.98
N2 NAG C . 1.46 -29.21 -15.31
O3 NAG C . 3.30 -29.44 -17.51
O4 NAG C . 4.59 -27.03 -18.33
O5 NAG C . 1.55 -25.75 -16.74
O6 NAG C . 4.41 -24.39 -18.51
O7 NAG C . -0.75 -29.49 -15.62
C1 FUC C . 2.42 -26.95 -12.05
C2 FUC C . 3.63 -26.00 -12.30
C3 FUC C . 3.74 -24.96 -11.17
C4 FUC C . 3.93 -25.70 -9.83
C5 FUC C . 2.75 -26.71 -9.63
C6 FUC C . 2.92 -27.59 -8.41
O2 FUC C . 3.63 -25.40 -13.61
O3 FUC C . 4.85 -24.11 -11.37
O4 FUC C . 5.18 -26.37 -9.81
O5 FUC C . 2.56 -27.59 -10.78
C1 NAG D . 23.76 -2.86 -17.87
C2 NAG D . 24.28 -3.14 -19.29
C3 NAG D . 23.72 -4.45 -19.85
C4 NAG D . 23.82 -5.60 -18.85
C5 NAG D . 23.27 -5.15 -17.50
C6 NAG D . 23.42 -6.17 -16.40
C7 NAG D . 24.73 -0.97 -20.35
C8 NAG D . 24.18 0.10 -21.25
N2 NAG D . 23.94 -2.03 -20.16
O3 NAG D . 24.44 -4.78 -21.03
O4 NAG D . 23.09 -6.73 -19.34
O5 NAG D . 23.98 -3.99 -17.06
O6 NAG D . 24.76 -6.62 -16.37
O7 NAG D . 25.83 -0.89 -19.84
C1 NAG D . 23.82 -7.99 -19.38
C2 NAG D . 22.83 -9.16 -19.27
C3 NAG D . 23.56 -10.49 -19.35
C4 NAG D . 24.43 -10.56 -20.60
C5 NAG D . 25.37 -9.36 -20.63
C6 NAG D . 26.23 -9.31 -21.87
C7 NAG D . 20.95 -8.33 -17.94
C8 NAG D . 20.25 -8.34 -16.62
N2 NAG D . 22.06 -9.08 -18.04
O3 NAG D . 22.61 -11.55 -19.36
O4 NAG D . 25.17 -11.77 -20.63
O5 NAG D . 24.62 -8.14 -20.59
O6 NAG D . 25.54 -8.65 -22.93
O7 NAG D . 20.54 -7.67 -18.89
C1 FUC D . 25.28 -6.70 -15.03
C2 FUC D . 26.54 -7.57 -15.15
C3 FUC D . 27.65 -6.79 -15.84
C4 FUC D . 27.91 -5.45 -15.13
C5 FUC D . 26.62 -4.66 -15.14
C6 FUC D . 26.74 -3.34 -14.40
O2 FUC D . 26.28 -8.76 -15.89
O3 FUC D . 28.86 -7.54 -15.82
O4 FUC D . 28.31 -5.66 -13.79
O5 FUC D . 25.57 -5.41 -14.49
C1 NAG E . 7.91 -2.54 31.93
C2 NAG E . 8.38 -3.66 32.89
C3 NAG E . 8.86 -3.09 34.22
C4 NAG E . 9.91 -2.02 34.01
C5 NAG E . 9.34 -0.93 33.10
C6 NAG E . 10.33 0.19 32.80
C7 NAG E . 7.24 -5.81 32.47
C8 NAG E . 6.05 -6.66 32.80
N2 NAG E . 7.30 -4.62 33.09
O3 NAG E . 9.41 -4.14 35.02
O4 NAG E . 10.31 -1.45 35.25
O5 NAG E . 8.96 -1.51 31.84
O6 NAG E . 11.40 -0.24 31.98
O7 NAG E . 8.10 -6.17 31.69
C1 NAG F . -13.74 -33.50 5.36
C2 NAG F . -15.09 -34.22 5.24
C3 NAG F . -16.14 -33.55 6.14
C4 NAG F . -15.62 -33.44 7.57
C5 NAG F . -14.25 -32.76 7.60
C6 NAG F . -13.63 -32.73 8.98
C7 NAG F . -15.45 -35.32 3.07
C8 NAG F . -15.97 -35.17 1.67
N2 NAG F . -15.54 -34.25 3.86
O3 NAG F . -17.32 -34.32 6.13
O4 NAG F . -16.54 -32.70 8.37
O5 NAG F . -13.33 -33.45 6.75
O6 NAG F . -13.15 -34.01 9.38
O7 NAG F . -14.97 -36.39 3.46
C1 NAG G . 4.43 28.41 6.16
C2 NAG G . 4.87 27.04 6.70
C3 NAG G . 5.56 27.21 8.05
C4 NAG G . 6.76 28.15 7.91
C5 NAG G . 6.27 29.51 7.44
C6 NAG G . 7.41 30.50 7.24
C7 NAG G . 3.34 25.26 5.91
C8 NAG G . 2.15 24.43 6.26
N2 NAG G . 3.74 26.15 6.83
O3 NAG G . 5.94 25.95 8.58
O4 NAG G . 7.46 28.28 9.15
O5 NAG G . 5.59 29.36 6.18
O6 NAG G . 7.14 31.48 6.25
O7 NAG G . 3.92 25.14 4.83
C1 GOL H . -0.82 -11.79 -9.83
O1 GOL H . -0.21 -12.43 -10.93
C2 GOL H . -2.34 -11.54 -10.16
O2 GOL H . -3.02 -12.73 -10.51
C3 GOL H . -2.98 -10.77 -8.91
O3 GOL H . -3.27 -11.70 -7.89
C02 9CI I . 10.57 -6.89 -2.06
C03 9CI I . 10.70 -5.35 -1.92
C05 9CI I . 11.29 -3.96 -3.89
C06 9CI I . 11.49 -2.43 -3.71
C07 9CI I . 12.08 -1.75 -4.99
C08 9CI I . 12.10 -0.21 -4.98
C09 9CI I . 10.87 0.42 -4.32
C10 9CI I . 9.73 -0.58 -4.07
C11 9CI I . 10.18 -1.75 -3.21
C12 9CI I . 9.17 -7.35 -1.56
C14 9CI I . 7.39 -6.07 -3.02
C16 9CI I . 6.24 -6.11 -4.04
C17 9CI I . 6.07 -4.94 -5.03
C18 9CI I . 7.32 -4.71 -5.86
C19 9CI I . 7.82 -3.44 -6.16
C20 9CI I . 8.98 -3.25 -6.91
C21 9CI I . 9.72 -4.33 -7.39
C22 9CI I . 9.27 -5.61 -7.08
C23 9CI I . 8.11 -5.78 -6.34
C24 9CI I . 4.79 -5.05 -5.87
C25 9CI I . 3.87 -4.00 -5.94
C26 9CI I . 2.69 -4.06 -6.69
C27 9CI I . 2.39 -5.20 -7.41
C28 9CI I . 3.27 -6.28 -7.37
C29 9CI I . 4.44 -6.20 -6.61
N04 9CI I . 10.21 -4.55 -3.06
N13 9CI I . 8.06 -7.23 -2.54
O01 9CI I . 10.72 -7.20 -3.40
O15 9CI I . 7.74 -4.98 -2.63
C1 GOL J . 11.99 4.66 18.14
O1 GOL J . 11.40 3.42 17.89
C2 GOL J . 11.08 5.75 17.50
O2 GOL J . 11.65 6.37 16.39
C3 GOL J . 9.72 5.06 17.14
O3 GOL J . 8.92 6.05 16.56
C1 GOL K . 15.37 2.01 11.08
O1 GOL K . 16.43 2.54 10.32
C2 GOL K . 15.02 0.57 10.54
O2 GOL K . 14.59 0.53 9.18
C3 GOL K . 16.28 -0.29 10.84
O3 GOL K . 16.26 -0.54 12.23
C GOA L . 6.49 -0.99 -1.06
CA GOA L . 7.09 -2.31 -0.41
O GOA L . 5.35 -0.64 -0.64
OXT GOA L . 7.15 -0.38 -1.92
O2 GOA L . 8.32 -2.74 -0.92
S SO4 M . -18.79 15.35 -0.32
O1 SO4 M . -18.96 15.57 1.12
O2 SO4 M . -18.12 14.07 -0.55
O3 SO4 M . -17.96 16.39 -0.88
O4 SO4 M . -20.10 15.41 -0.96
S SO4 N . 2.47 26.54 -4.18
O1 SO4 N . 3.16 26.71 -2.91
O2 SO4 N . 1.47 25.47 -4.07
O3 SO4 N . 1.81 27.80 -4.55
O4 SO4 N . 3.47 26.20 -5.22
S SO4 O . 0.96 13.31 -19.69
O1 SO4 O . 1.94 14.11 -18.92
O2 SO4 O . 0.46 12.24 -18.82
O3 SO4 O . -0.16 14.18 -20.08
O4 SO4 O . 1.56 12.67 -20.86
S SO4 P . 5.61 13.17 -17.29
O1 SO4 P . 6.03 13.77 -16.03
O2 SO4 P . 5.78 11.72 -17.27
O3 SO4 P . 4.20 13.52 -17.50
O4 SO4 P . 6.44 13.69 -18.39
S SO4 Q . 20.03 23.18 0.94
O1 SO4 Q . 18.70 23.22 0.34
O2 SO4 Q . 20.02 22.39 2.16
O3 SO4 Q . 20.37 24.57 1.21
O4 SO4 Q . 20.99 22.58 0.01
S SO4 R . 10.18 -4.80 -35.63
O1 SO4 R . 11.37 -5.03 -34.81
O2 SO4 R . 9.05 -4.39 -34.80
O3 SO4 R . 10.47 -3.74 -36.61
O4 SO4 R . 9.80 -6.04 -36.32
NA NA S . 2.44 16.04 -17.02
CL CL T . 13.92 3.76 -33.04
#